data_9PQV
#
_entry.id   9PQV
#
_cell.length_a   161.758
_cell.length_b   161.758
_cell.length_c   100.259
_cell.angle_alpha   90.000
_cell.angle_beta   90.000
_cell.angle_gamma   120.000
#
_symmetry.space_group_name_H-M   'P 32 2 1'
#
loop_
_entity.id
_entity.type
_entity.pdbx_description
1 polymer 'PUM-HD domain-containing protein'
2 polymer 'RNA II-2'
3 non-polymer GLYCEROL
4 non-polymer 'FORMIC ACID'
5 water water
#
loop_
_entity_poly.entity_id
_entity_poly.type
_entity_poly.pdbx_seq_one_letter_code
_entity_poly.pdbx_strand_id
1 'polypeptide(L)'
;SAVRLIDLENNASFSKSLNSTTRSHKCTLPIWAGDGEGNVSDSVTLQDVLANDALVEFATDKNGCRFLQEHYPTENDNDV
HQKLFRKLVEDRAIFLSLCSNMFGNFFVQRVLECSNTEEQEILTEHLATDLYNLCLDKSACRVIQLAIQKLDVHLATRLS
LELRDTHLVRLSIDQNGNHVIQKIVKTLPVSSWTFLVDFFADDDNLIHVCQDKYGCRVIQSTVETLSTDQYAQCYQHRVI
LLRSLMAGVTRNCTQLASNEFANYVVQHVIKCGDALAVYRDIIIEQCLLQNLLSMSQEKYASHVVEVAFECAPYRLVAEM
MNEIFEGYIPHPDTNRDALDILLFHQYGNYVVQQMIQTCVLGQNARDQKQSEMYGMWLEKIHGRVMRNAHRLERFSSGKK
IIEALQSMSLY
;
A
2 'polyribonucleotide' CUGUACUAUA B
#
loop_
_chem_comp.id
_chem_comp.type
_chem_comp.name
_chem_comp.formula
A RNA linking ADENOSINE-5'-MONOPHOSPHATE 'C10 H14 N5 O7 P'
C RNA linking CYTIDINE-5'-MONOPHOSPHATE 'C9 H14 N3 O8 P'
FMT non-polymer 'FORMIC ACID' 'C H2 O2'
G RNA linking GUANOSINE-5'-MONOPHOSPHATE 'C10 H14 N5 O8 P'
GOL non-polymer GLYCEROL 'C3 H8 O3'
U RNA linking URIDINE-5'-MONOPHOSPHATE 'C9 H13 N2 O9 P'
#
# COMPACT_ATOMS: atom_id res chain seq x y z
N ALA A 2 38.61 -7.77 48.96
CA ALA A 2 39.93 -7.16 48.79
C ALA A 2 39.83 -5.66 48.54
N VAL A 3 40.85 -5.13 47.88
CA VAL A 3 40.94 -3.72 47.55
C VAL A 3 40.21 -3.46 46.24
N ARG A 4 39.47 -2.36 46.17
N ARG A 4 39.47 -2.36 46.17
CA ARG A 4 38.76 -1.98 44.96
CA ARG A 4 38.76 -1.98 44.96
C ARG A 4 39.75 -1.63 43.84
C ARG A 4 39.73 -1.60 43.85
N LEU A 5 39.34 -1.91 42.61
CA LEU A 5 40.16 -1.63 41.44
C LEU A 5 39.23 -1.02 40.40
N ILE A 6 39.46 0.24 40.07
CA ILE A 6 38.61 1.00 39.16
C ILE A 6 39.33 1.04 37.81
N ASP A 7 38.88 0.23 36.86
CA ASP A 7 39.57 0.08 35.58
C ASP A 7 38.87 0.98 34.57
N LEU A 8 39.44 2.16 34.36
CA LEU A 8 38.98 3.03 33.30
C LEU A 8 39.40 2.48 31.93
N GLU A 9 38.69 2.90 30.90
CA GLU A 9 38.97 2.46 29.54
C GLU A 9 40.00 3.40 28.92
N ASN A 10 40.90 2.83 28.11
CA ASN A 10 42.00 3.56 27.50
C ASN A 10 41.53 4.50 26.40
N ASN A 11 42.05 5.74 26.39
CA ASN A 11 41.67 6.73 25.36
C ASN A 11 42.34 6.40 24.03
N ALA A 12 41.56 6.29 22.97
CA ALA A 12 42.11 5.95 21.63
C ALA A 12 41.43 6.80 20.56
N SER A 13 41.97 7.98 20.28
CA SER A 13 41.33 8.90 19.30
C SER A 13 42.04 8.81 17.95
N PHE A 14 42.59 7.65 17.62
CA PHE A 14 43.35 7.47 16.35
C PHE A 14 42.65 6.41 15.50
N SER A 15 41.71 5.69 16.07
CA SER A 15 41.07 4.56 15.36
C SER A 15 40.40 5.01 14.06
N LYS A 16 39.60 6.08 14.11
CA LYS A 16 38.86 6.50 12.89
C LYS A 16 39.87 7.02 11.87
N SER A 17 40.89 7.74 12.33
CA SER A 17 41.86 8.34 11.40
C SER A 17 42.65 7.22 10.73
N LEU A 18 42.76 6.07 11.38
CA LEU A 18 43.59 4.98 10.83
C LEU A 18 42.70 4.00 10.07
N ASN A 19 41.40 3.98 10.35
CA ASN A 19 40.55 3.12 9.54
C ASN A 19 39.99 3.84 8.32
N SER A 20 40.30 5.13 8.18
CA SER A 20 39.90 5.89 7.00
C SER A 20 40.80 5.65 5.80
N THR A 21 41.82 4.81 5.94
CA THR A 21 42.74 4.49 4.85
C THR A 21 42.26 3.23 4.16
N THR A 22 41.89 3.36 2.88
CA THR A 22 41.36 2.27 2.07
C THR A 22 42.17 2.15 0.79
N ARG A 23 42.01 1.02 0.09
CA ARG A 23 42.66 0.85 -1.21
C ARG A 23 41.85 1.54 -2.32
N SER A 24 40.63 1.08 -2.56
CA SER A 24 39.73 1.75 -3.48
C SER A 24 39.17 3.00 -2.82
N HIS A 25 38.97 4.06 -3.62
CA HIS A 25 38.24 5.21 -3.10
C HIS A 25 36.74 4.96 -3.02
N LYS A 26 36.25 3.89 -3.66
CA LYS A 26 34.83 3.53 -3.59
C LYS A 26 34.51 2.72 -2.34
N CYS A 27 35.32 1.72 -2.05
CA CYS A 27 35.14 0.94 -0.83
C CYS A 27 35.52 1.75 0.41
N THR A 28 34.99 1.32 1.56
CA THR A 28 35.36 1.86 2.86
C THR A 28 36.00 0.85 3.78
N LEU A 29 36.18 -0.39 3.31
CA LEU A 29 36.81 -1.45 4.09
C LEU A 29 38.25 -1.07 4.41
N PRO A 30 38.67 -1.14 5.69
CA PRO A 30 40.02 -0.69 6.06
C PRO A 30 41.08 -1.59 5.46
N ILE A 31 42.23 -0.97 5.16
CA ILE A 31 43.29 -1.62 4.39
C ILE A 31 43.95 -2.76 5.18
N TRP A 32 43.84 -2.77 6.52
CA TRP A 32 44.37 -3.89 7.28
C TRP A 32 43.53 -5.16 7.12
N ALA A 33 42.29 -5.04 6.62
CA ALA A 33 41.38 -6.18 6.56
C ALA A 33 41.14 -6.67 5.14
N GLY A 34 41.56 -5.92 4.12
CA GLY A 34 41.37 -6.35 2.76
C GLY A 34 42.41 -7.34 2.30
N ASP A 35 42.11 -7.98 1.17
CA ASP A 35 43.05 -8.88 0.50
C ASP A 35 43.62 -8.26 -0.78
N GLY A 36 43.37 -6.99 -1.02
CA GLY A 36 43.76 -6.30 -2.23
C GLY A 36 42.68 -6.23 -3.29
N GLU A 37 41.66 -7.09 -3.19
CA GLU A 37 40.63 -7.22 -4.21
C GLU A 37 39.25 -6.82 -3.69
N GLY A 38 39.20 -6.08 -2.59
CA GLY A 38 37.94 -5.62 -2.03
C GLY A 38 37.25 -6.60 -1.13
N ASN A 39 37.79 -7.79 -0.95
CA ASN A 39 37.22 -8.82 -0.11
C ASN A 39 37.89 -8.79 1.26
N VAL A 40 37.30 -9.51 2.21
CA VAL A 40 37.82 -9.55 3.58
C VAL A 40 38.81 -10.69 3.70
N SER A 41 40.04 -10.34 4.15
CA SER A 41 41.11 -11.29 4.42
C SER A 41 40.67 -12.40 5.37
N ASP A 42 41.23 -13.59 5.15
CA ASP A 42 40.78 -14.77 5.87
C ASP A 42 41.29 -14.82 7.31
N SER A 43 42.31 -14.02 7.64
CA SER A 43 42.76 -13.91 9.03
C SER A 43 41.89 -12.98 9.86
N VAL A 44 40.97 -12.25 9.23
CA VAL A 44 40.15 -11.27 9.95
C VAL A 44 39.04 -11.99 10.69
N THR A 45 38.95 -11.72 11.99
CA THR A 45 37.92 -12.26 12.86
C THR A 45 37.16 -11.10 13.50
N LEU A 46 36.03 -11.42 14.13
CA LEU A 46 35.21 -10.39 14.76
C LEU A 46 35.92 -9.74 15.94
N GLN A 47 36.80 -10.50 16.61
CA GLN A 47 37.65 -9.92 17.64
C GLN A 47 38.59 -8.86 17.07
N ASP A 48 39.04 -9.03 15.82
CA ASP A 48 39.84 -7.98 15.17
C ASP A 48 39.02 -6.71 14.92
N VAL A 49 37.75 -6.89 14.53
CA VAL A 49 36.86 -5.75 14.27
C VAL A 49 36.61 -4.98 15.56
N LEU A 50 36.37 -5.70 16.65
CA LEU A 50 36.19 -5.10 17.97
C LEU A 50 37.47 -4.44 18.47
N ALA A 51 38.63 -5.07 18.21
CA ALA A 51 39.88 -4.55 18.73
C ALA A 51 40.30 -3.28 18.01
N ASN A 52 40.01 -3.18 16.72
CA ASN A 52 40.43 -2.02 15.96
C ASN A 52 39.34 -0.95 15.87
N ASP A 53 38.17 -1.21 16.46
CA ASP A 53 37.01 -0.30 16.49
C ASP A 53 36.58 0.09 15.07
N ALA A 54 36.29 -0.93 14.27
CA ALA A 54 36.03 -0.73 12.84
C ALA A 54 34.68 -1.30 12.44
N LEU A 55 33.70 -1.26 13.34
CA LEU A 55 32.34 -1.73 13.03
C LEU A 55 31.70 -0.87 11.94
N VAL A 56 31.83 0.45 12.05
CA VAL A 56 31.25 1.37 11.07
C VAL A 56 31.89 1.14 9.71
N GLU A 57 33.22 1.04 9.69
CA GLU A 57 33.93 0.92 8.43
C GLU A 57 33.66 -0.41 7.74
N PHE A 58 33.40 -1.49 8.50
CA PHE A 58 32.95 -2.69 7.79
C PHE A 58 31.50 -2.56 7.33
N ALA A 59 30.66 -1.91 8.14
CA ALA A 59 29.24 -1.85 7.82
C ALA A 59 28.95 -0.98 6.60
N THR A 60 29.81 0.00 6.33
CA THR A 60 29.65 0.87 5.17
C THR A 60 30.20 0.27 3.88
N ASP A 61 30.84 -0.90 3.95
CA ASP A 61 31.36 -1.61 2.79
C ASP A 61 30.52 -2.86 2.56
N LYS A 62 30.34 -3.23 1.29
CA LYS A 62 29.45 -4.35 0.94
C LYS A 62 29.99 -5.67 1.47
N ASN A 63 31.26 -5.97 1.22
CA ASN A 63 31.81 -7.25 1.63
C ASN A 63 32.07 -7.31 3.13
N GLY A 64 32.47 -6.18 3.72
CA GLY A 64 32.59 -6.12 5.17
C GLY A 64 31.26 -6.28 5.88
N CYS A 65 30.19 -5.70 5.32
CA CYS A 65 28.88 -5.87 5.93
C CYS A 65 28.35 -7.28 5.76
N ARG A 66 28.60 -7.92 4.59
CA ARG A 66 28.20 -9.32 4.43
C ARG A 66 28.97 -10.22 5.39
N PHE A 67 30.19 -9.82 5.73
CA PHE A 67 30.97 -10.57 6.74
C PHE A 67 30.27 -10.44 8.08
N LEU A 68 29.92 -9.22 8.45
CA LEU A 68 29.29 -8.98 9.77
C LEU A 68 27.98 -9.78 9.84
N GLN A 69 27.15 -9.70 8.81
CA GLN A 69 25.83 -10.38 8.84
C GLN A 69 26.04 -11.88 8.96
N GLU A 70 27.03 -12.42 8.27
CA GLU A 70 27.23 -13.88 8.26
C GLU A 70 27.78 -14.39 9.60
N HIS A 71 28.67 -13.63 10.22
CA HIS A 71 29.32 -14.16 11.45
C HIS A 71 28.75 -13.53 12.72
N TYR A 72 27.70 -12.70 12.60
CA TYR A 72 27.07 -12.15 13.82
C TYR A 72 26.38 -13.29 14.57
N PRO A 73 26.83 -13.60 15.80
CA PRO A 73 26.26 -14.68 16.61
C PRO A 73 24.80 -14.40 16.94
N THR A 74 23.94 -15.37 16.64
CA THR A 74 22.50 -15.19 16.85
C THR A 74 22.11 -15.21 18.32
N GLU A 75 22.96 -15.74 19.19
CA GLU A 75 22.59 -15.94 20.58
C GLU A 75 22.81 -14.66 21.40
N ASN A 76 21.83 -14.33 22.25
CA ASN A 76 21.84 -13.07 22.99
C ASN A 76 22.80 -13.06 24.18
N ASP A 77 23.25 -14.24 24.63
CA ASP A 77 24.16 -14.33 25.76
C ASP A 77 25.63 -14.51 25.36
N ASN A 78 25.89 -14.52 24.05
CA ASN A 78 27.27 -14.64 23.52
C ASN A 78 28.01 -13.33 23.74
N ASP A 79 29.31 -13.39 24.02
CA ASP A 79 30.08 -12.20 24.37
C ASP A 79 30.31 -11.30 23.14
N VAL A 80 30.58 -11.91 21.98
CA VAL A 80 30.87 -11.13 20.78
C VAL A 80 29.60 -10.42 20.30
N HIS A 81 28.46 -11.10 20.39
CA HIS A 81 27.14 -10.51 20.13
C HIS A 81 26.93 -9.23 20.94
N GLN A 82 27.22 -9.30 22.25
CA GLN A 82 27.02 -8.17 23.14
C GLN A 82 27.98 -7.03 22.84
N LYS A 83 29.25 -7.34 22.60
CA LYS A 83 30.24 -6.29 22.34
C LYS A 83 29.98 -5.58 21.03
N LEU A 84 29.60 -6.33 19.98
CA LEU A 84 29.19 -5.73 18.72
C LEU A 84 27.93 -4.88 18.86
N PHE A 85 26.94 -5.37 19.62
CA PHE A 85 25.71 -4.61 19.82
C PHE A 85 25.99 -3.30 20.54
N ARG A 86 26.85 -3.34 21.57
CA ARG A 86 27.21 -2.13 22.28
C ARG A 86 27.97 -1.15 21.39
N LYS A 87 28.90 -1.64 20.56
CA LYS A 87 29.56 -0.76 19.57
C LYS A 87 28.56 -0.14 18.60
N LEU A 88 27.52 -0.89 18.24
CA LEU A 88 26.47 -0.34 17.38
C LEU A 88 25.71 0.80 18.05
N VAL A 89 25.39 0.67 19.35
CA VAL A 89 24.42 1.57 19.97
C VAL A 89 25.02 2.57 20.95
N GLU A 90 26.36 2.59 21.17
CA GLU A 90 27.00 3.59 22.04
C GLU A 90 26.70 5.02 21.60
N ASP A 91 26.76 5.27 20.29
CA ASP A 91 26.54 6.61 19.74
C ASP A 91 25.28 6.58 18.89
N ARG A 92 24.35 7.49 19.20
CA ARG A 92 23.10 7.60 18.47
C ARG A 92 23.31 8.02 17.03
N ALA A 93 24.21 8.99 16.78
CA ALA A 93 24.39 9.51 15.43
C ALA A 93 25.06 8.49 14.53
N ILE A 94 25.98 7.69 15.08
CA ILE A 94 26.59 6.59 14.34
C ILE A 94 25.55 5.54 13.97
N PHE A 95 24.66 5.23 14.93
CA PHE A 95 23.58 4.28 14.67
C PHE A 95 22.66 4.78 13.56
N LEU A 96 22.27 6.05 13.62
CA LEU A 96 21.38 6.59 12.60
C LEU A 96 22.09 6.81 11.26
N SER A 97 23.43 6.90 11.25
CA SER A 97 24.16 6.87 9.99
C SER A 97 24.14 5.48 9.37
N LEU A 98 24.31 4.44 10.20
CA LEU A 98 24.30 3.08 9.67
C LEU A 98 22.90 2.65 9.24
N CYS A 99 21.87 3.21 9.86
CA CYS A 99 20.51 2.94 9.38
C CYS A 99 20.28 3.54 8.00
N SER A 100 20.83 4.72 7.73
CA SER A 100 20.63 5.41 6.47
C SER A 100 21.66 5.01 5.42
N ASN A 101 22.39 3.93 5.66
CA ASN A 101 23.50 3.54 4.73
C ASN A 101 23.06 2.45 3.76
N MET A 102 23.40 2.60 2.49
CA MET A 102 23.08 1.65 1.44
C MET A 102 23.42 0.22 1.83
N PHE A 103 24.46 0.04 2.65
CA PHE A 103 24.86 -1.29 3.06
C PHE A 103 24.68 -1.55 4.54
N GLY A 104 24.84 -0.52 5.36
CA GLY A 104 24.81 -0.72 6.80
C GLY A 104 23.46 -1.13 7.35
N ASN A 105 22.40 -0.71 6.67
CA ASN A 105 21.01 -1.04 7.08
C ASN A 105 20.85 -2.55 7.17
N PHE A 106 21.40 -3.26 6.20
CA PHE A 106 21.29 -4.72 6.15
C PHE A 106 21.91 -5.36 7.39
N PHE A 107 22.92 -4.72 7.98
CA PHE A 107 23.41 -5.20 9.26
C PHE A 107 22.46 -4.87 10.40
N VAL A 108 21.87 -3.66 10.36
CA VAL A 108 20.96 -3.24 11.43
C VAL A 108 19.73 -4.14 11.45
N GLN A 109 19.25 -4.50 10.27
CA GLN A 109 18.12 -5.45 10.19
C GLN A 109 18.55 -6.78 10.79
N ARG A 110 19.79 -7.19 10.55
CA ARG A 110 20.27 -8.45 11.09
C ARG A 110 20.24 -8.44 12.61
N VAL A 111 20.60 -7.30 13.24
CA VAL A 111 20.57 -7.33 14.70
C VAL A 111 19.14 -7.21 15.20
N LEU A 112 18.21 -6.73 14.35
CA LEU A 112 16.80 -6.81 14.70
C LEU A 112 16.30 -8.24 14.70
N GLU A 113 16.81 -9.07 13.77
CA GLU A 113 16.30 -10.42 13.62
C GLU A 113 16.68 -11.30 14.80
N CYS A 114 17.73 -10.92 15.53
CA CYS A 114 18.27 -11.70 16.63
C CYS A 114 17.95 -11.09 17.98
N SER A 115 17.25 -9.95 17.94
CA SER A 115 17.02 -9.11 19.15
C SER A 115 16.18 -9.71 20.26
N ASN A 116 16.31 -9.13 21.46
CA ASN A 116 15.47 -9.52 22.61
C ASN A 116 14.80 -8.23 23.06
N THR A 117 13.90 -8.27 24.03
CA THR A 117 13.16 -7.04 24.42
C THR A 117 14.17 -5.98 24.87
N GLU A 118 15.23 -6.40 25.56
CA GLU A 118 16.20 -5.42 26.12
C GLU A 118 16.86 -4.63 24.99
N GLU A 119 17.33 -5.33 23.96
CA GLU A 119 17.99 -4.65 22.81
C GLU A 119 16.94 -3.81 22.08
N GLN A 120 15.74 -4.34 21.90
CA GLN A 120 14.69 -3.63 21.15
C GLN A 120 14.38 -2.29 21.81
N GLU A 121 14.59 -2.19 23.12
CA GLU A 121 14.24 -0.95 23.86
C GLU A 121 15.22 0.17 23.50
N ILE A 122 16.52 -0.13 23.48
CA ILE A 122 17.47 0.91 23.09
C ILE A 122 17.45 1.16 21.58
N LEU A 123 17.13 0.14 20.77
CA LEU A 123 16.93 0.38 19.34
C LEU A 123 15.72 1.29 19.08
N THR A 124 14.63 1.06 19.81
CA THR A 124 13.43 1.89 19.68
C THR A 124 13.68 3.32 20.14
N GLU A 125 14.45 3.47 21.23
N GLU A 125 14.44 3.47 21.24
CA GLU A 125 14.74 4.81 21.73
CA GLU A 125 14.76 4.81 21.74
C GLU A 125 15.63 5.59 20.77
C GLU A 125 15.62 5.59 20.75
N HIS A 126 16.57 4.92 20.09
CA HIS A 126 17.34 5.60 19.04
C HIS A 126 16.47 5.95 17.84
N LEU A 127 15.64 5.02 17.37
CA LEU A 127 14.85 5.26 16.15
C LEU A 127 13.81 6.36 16.33
N ALA A 128 13.27 6.49 17.55
CA ALA A 128 12.19 7.44 17.78
C ALA A 128 12.62 8.89 17.64
N THR A 129 13.92 9.19 17.77
CA THR A 129 14.38 10.57 17.75
C THR A 129 14.28 11.19 16.37
N ASP A 130 14.40 10.40 15.30
CA ASP A 130 14.25 10.95 13.97
C ASP A 130 13.52 9.98 13.05
N LEU A 131 12.46 9.33 13.60
CA LEU A 131 11.65 8.37 12.85
C LEU A 131 11.15 8.89 11.49
N TYR A 132 10.69 10.14 11.44
CA TYR A 132 10.09 10.67 10.20
C TYR A 132 11.09 10.71 9.06
N ASN A 133 12.28 11.26 9.34
CA ASN A 133 13.32 11.32 8.31
C ASN A 133 13.89 9.94 8.00
N LEU A 134 13.91 9.03 8.98
CA LEU A 134 14.28 7.64 8.66
C LEU A 134 13.27 6.99 7.74
N CYS A 135 11.99 7.35 7.86
CA CYS A 135 10.96 6.82 6.97
C CYS A 135 11.10 7.38 5.56
N LEU A 136 11.50 8.64 5.43
CA LEU A 136 11.72 9.17 4.08
C LEU A 136 12.97 8.60 3.40
N ASP A 137 13.92 8.08 4.18
CA ASP A 137 15.17 7.60 3.61
C ASP A 137 14.94 6.26 2.92
N LYS A 138 15.64 6.06 1.80
CA LYS A 138 15.41 4.90 0.96
C LYS A 138 15.98 3.62 1.59
N SER A 139 16.95 3.77 2.47
CA SER A 139 17.58 2.65 3.15
C SER A 139 17.01 2.42 4.54
N ALA A 140 16.77 3.48 5.29
CA ALA A 140 16.33 3.35 6.68
C ALA A 140 14.88 2.89 6.81
N CYS A 141 14.05 3.15 5.79
CA CYS A 141 12.65 2.73 5.85
C CYS A 141 12.53 1.21 5.92
N ARG A 142 13.47 0.48 5.34
CA ARG A 142 13.44 -0.98 5.45
C ARG A 142 13.72 -1.42 6.88
N VAL A 143 14.61 -0.70 7.57
CA VAL A 143 14.85 -0.93 9.00
C VAL A 143 13.58 -0.66 9.80
N ILE A 144 12.88 0.44 9.47
CA ILE A 144 11.66 0.81 10.20
C ILE A 144 10.58 -0.26 10.01
N GLN A 145 10.47 -0.81 8.80
CA GLN A 145 9.43 -1.81 8.56
C GLN A 145 9.76 -3.13 9.25
N LEU A 146 11.04 -3.52 9.25
CA LEU A 146 11.41 -4.74 9.99
C LEU A 146 11.23 -4.53 11.49
N ALA A 147 11.41 -3.29 11.97
CA ALA A 147 11.12 -2.98 13.36
C ALA A 147 9.63 -3.14 13.66
N ILE A 148 8.76 -2.57 12.81
CA ILE A 148 7.30 -2.66 12.99
C ILE A 148 6.85 -4.13 13.00
N GLN A 149 7.51 -4.98 12.22
CA GLN A 149 7.15 -6.39 12.28
C GLN A 149 7.70 -7.08 13.53
N LYS A 150 8.93 -6.75 13.93
CA LYS A 150 9.69 -7.60 14.84
C LYS A 150 9.62 -7.14 16.30
N LEU A 151 9.49 -5.84 16.55
CA LEU A 151 9.42 -5.30 17.91
C LEU A 151 8.20 -5.82 18.65
N ASP A 152 8.30 -5.83 19.98
CA ASP A 152 7.14 -6.03 20.83
C ASP A 152 6.14 -4.91 20.59
N VAL A 153 4.86 -5.23 20.76
CA VAL A 153 3.77 -4.41 20.20
C VAL A 153 3.72 -3.05 20.88
N HIS A 154 4.01 -2.98 22.19
CA HIS A 154 4.05 -1.66 22.86
C HIS A 154 5.23 -0.81 22.37
N LEU A 155 6.36 -1.44 22.04
CA LEU A 155 7.50 -0.71 21.48
C LEU A 155 7.18 -0.16 20.09
N ALA A 156 6.57 -0.98 19.24
CA ALA A 156 6.22 -0.54 17.89
C ALA A 156 5.13 0.52 17.92
N THR A 157 4.24 0.44 18.91
CA THR A 157 3.23 1.47 19.12
C THR A 157 3.87 2.79 19.51
N ARG A 158 4.81 2.74 20.48
CA ARG A 158 5.56 3.92 20.91
C ARG A 158 6.33 4.53 19.76
N LEU A 159 6.79 3.69 18.84
CA LEU A 159 7.51 4.18 17.69
C LEU A 159 6.58 4.88 16.70
N SER A 160 5.51 4.18 16.27
CA SER A 160 4.61 4.74 15.26
C SER A 160 3.86 5.97 15.74
N LEU A 161 3.66 6.13 17.06
CA LEU A 161 3.08 7.37 17.58
C LEU A 161 3.96 8.60 17.39
N GLU A 162 5.25 8.43 17.08
CA GLU A 162 6.08 9.59 16.74
C GLU A 162 5.66 10.23 15.41
N LEU A 163 4.92 9.51 14.57
CA LEU A 163 4.46 10.05 13.31
C LEU A 163 3.26 10.99 13.48
N ARG A 164 2.66 11.06 14.66
CA ARG A 164 1.51 11.93 14.85
C ARG A 164 1.95 13.40 14.82
N ASP A 165 1.06 14.25 14.28
CA ASP A 165 1.23 15.70 14.09
C ASP A 165 2.36 16.03 13.12
N THR A 166 2.73 15.10 12.25
CA THR A 166 3.74 15.32 11.22
C THR A 166 3.08 15.55 9.87
N HIS A 167 3.90 15.88 8.86
CA HIS A 167 3.40 16.12 7.50
C HIS A 167 3.11 14.78 6.82
N LEU A 168 1.96 14.21 7.17
CA LEU A 168 1.62 12.86 6.71
C LEU A 168 1.19 12.81 5.26
N VAL A 169 0.79 13.94 4.67
CA VAL A 169 0.58 13.96 3.23
C VAL A 169 1.88 13.70 2.49
N ARG A 170 2.97 14.37 2.91
CA ARG A 170 4.28 14.15 2.31
C ARG A 170 4.76 12.72 2.51
N LEU A 171 4.60 12.18 3.72
CA LEU A 171 5.08 10.84 4.01
C LEU A 171 4.26 9.78 3.30
N SER A 172 2.96 10.01 3.13
CA SER A 172 2.10 8.98 2.53
C SER A 172 2.33 8.86 1.04
N ILE A 173 2.57 9.98 0.34
CA ILE A 173 2.77 9.92 -1.10
C ILE A 173 4.25 9.73 -1.47
N ASP A 174 5.13 9.55 -0.48
CA ASP A 174 6.56 9.35 -0.74
C ASP A 174 6.80 7.95 -1.27
N GLN A 175 7.81 7.84 -2.14
CA GLN A 175 8.24 6.57 -2.73
C GLN A 175 8.61 5.54 -1.68
N ASN A 176 9.18 5.98 -0.57
CA ASN A 176 9.66 5.10 0.48
C ASN A 176 8.75 5.08 1.69
N GLY A 177 8.13 6.23 2.00
CA GLY A 177 7.37 6.34 3.23
C GLY A 177 6.09 5.53 3.25
N ASN A 178 5.45 5.35 2.08
CA ASN A 178 4.14 4.69 2.01
C ASN A 178 4.21 3.27 2.54
N HIS A 179 5.28 2.55 2.21
CA HIS A 179 5.41 1.17 2.63
C HIS A 179 5.61 1.07 4.13
N VAL A 180 6.11 2.12 4.78
CA VAL A 180 6.12 2.16 6.23
C VAL A 180 4.71 2.24 6.76
N ILE A 181 3.91 3.19 6.23
CA ILE A 181 2.59 3.47 6.77
C ILE A 181 1.67 2.28 6.57
N GLN A 182 1.73 1.66 5.38
CA GLN A 182 0.98 0.45 5.11
C GLN A 182 1.38 -0.66 6.07
N LYS A 183 2.69 -0.78 6.33
CA LYS A 183 3.19 -1.79 7.26
C LYS A 183 2.59 -1.58 8.64
N ILE A 184 2.52 -0.31 9.09
CA ILE A 184 1.89 0.00 10.38
C ILE A 184 0.44 -0.43 10.38
N VAL A 185 -0.29 -0.03 9.32
CA VAL A 185 -1.71 -0.33 9.21
C VAL A 185 -1.93 -1.83 9.05
N LYS A 186 -0.99 -2.53 8.42
CA LYS A 186 -1.22 -3.95 8.24
C LYS A 186 -0.74 -4.78 9.43
N THR A 187 -0.02 -4.18 10.38
CA THR A 187 0.60 -5.01 11.41
C THR A 187 0.12 -4.65 12.80
N LEU A 188 0.16 -3.36 13.12
CA LEU A 188 -0.12 -2.96 14.51
C LEU A 188 -1.61 -2.79 14.76
N PRO A 189 -2.06 -2.90 16.02
CA PRO A 189 -3.46 -2.67 16.36
C PRO A 189 -3.93 -1.25 16.00
N VAL A 190 -5.21 -1.07 15.72
CA VAL A 190 -5.73 0.25 15.26
C VAL A 190 -5.44 1.31 16.31
N SER A 191 -5.31 0.90 17.56
CA SER A 191 -5.05 1.84 18.67
C SER A 191 -3.72 2.54 18.43
N SER A 192 -2.85 1.93 17.62
CA SER A 192 -1.50 2.47 17.41
C SER A 192 -1.46 3.45 16.24
N TRP A 193 -2.54 3.55 15.46
CA TRP A 193 -2.49 4.40 14.25
C TRP A 193 -3.81 5.13 14.03
N THR A 194 -4.61 5.28 15.08
CA THR A 194 -5.89 5.98 14.96
C THR A 194 -5.74 7.43 14.52
N PHE A 195 -4.58 8.04 14.76
CA PHE A 195 -4.32 9.40 14.30
C PHE A 195 -4.26 9.50 12.79
N LEU A 196 -3.88 8.40 12.11
CA LEU A 196 -3.96 8.37 10.64
C LEU A 196 -5.38 8.53 10.15
N VAL A 197 -6.33 7.82 10.78
CA VAL A 197 -7.73 7.92 10.38
C VAL A 197 -8.27 9.30 10.69
N ASP A 198 -7.85 9.89 11.82
CA ASP A 198 -8.22 11.28 12.09
C ASP A 198 -7.61 12.26 11.09
N PHE A 199 -6.41 11.95 10.58
CA PHE A 199 -5.74 12.85 9.62
C PHE A 199 -6.41 12.82 8.25
N PHE A 200 -6.81 11.64 7.81
CA PHE A 200 -7.47 11.43 6.54
C PHE A 200 -8.96 11.79 6.59
N ALA A 201 -9.48 12.16 7.77
CA ALA A 201 -10.85 12.64 7.86
C ALA A 201 -11.01 13.98 7.15
N ASP A 202 -9.95 14.79 7.08
CA ASP A 202 -9.98 16.02 6.31
C ASP A 202 -10.12 15.68 4.82
N ASP A 203 -10.97 16.45 4.13
CA ASP A 203 -11.19 16.21 2.71
C ASP A 203 -9.95 16.52 1.89
N ASP A 204 -9.27 17.62 2.21
CA ASP A 204 -8.11 18.03 1.37
C ASP A 204 -7.03 16.96 1.46
N ASN A 205 -6.73 16.50 2.67
CA ASN A 205 -5.65 15.51 2.86
C ASN A 205 -5.98 14.23 2.10
N LEU A 206 -7.24 13.78 2.20
CA LEU A 206 -7.62 12.49 1.56
C LEU A 206 -7.42 12.61 0.05
N ILE A 207 -7.93 13.67 -0.57
CA ILE A 207 -7.86 13.79 -2.05
C ILE A 207 -6.39 13.82 -2.48
N HIS A 208 -5.57 14.64 -1.82
CA HIS A 208 -4.15 14.78 -2.23
C HIS A 208 -3.43 13.45 -2.07
N VAL A 209 -3.72 12.72 -1.01
CA VAL A 209 -3.05 11.41 -0.77
C VAL A 209 -3.71 10.36 -1.65
N CYS A 210 -5.02 10.46 -1.85
CA CYS A 210 -5.68 9.37 -2.55
C CYS A 210 -5.47 9.48 -4.06
N GLN A 211 -5.20 10.68 -4.57
CA GLN A 211 -4.98 10.86 -6.00
C GLN A 211 -3.49 10.80 -6.34
N ASP A 212 -2.81 9.74 -5.91
CA ASP A 212 -1.36 9.64 -6.04
C ASP A 212 -0.99 8.19 -6.35
N LYS A 213 0.17 8.02 -7.02
CA LYS A 213 0.72 6.69 -7.36
C LYS A 213 0.84 5.80 -6.14
N TYR A 214 1.23 6.38 -5.02
CA TYR A 214 1.58 5.66 -3.82
C TYR A 214 0.55 5.80 -2.71
N GLY A 215 -0.08 6.97 -2.58
CA GLY A 215 -1.02 7.21 -1.50
C GLY A 215 -2.34 6.48 -1.64
N CYS A 216 -2.72 6.12 -2.87
CA CYS A 216 -3.95 5.38 -3.06
C CYS A 216 -3.84 3.97 -2.49
N ARG A 217 -2.63 3.40 -2.49
CA ARG A 217 -2.45 2.12 -1.82
C ARG A 217 -2.49 2.26 -0.30
N VAL A 218 -2.07 3.42 0.22
CA VAL A 218 -2.19 3.70 1.65
C VAL A 218 -3.66 3.75 2.06
N ILE A 219 -4.47 4.49 1.28
CA ILE A 219 -5.90 4.62 1.58
C ILE A 219 -6.59 3.27 1.45
N GLN A 220 -6.23 2.50 0.43
CA GLN A 220 -6.84 1.19 0.26
C GLN A 220 -6.44 0.22 1.37
N SER A 221 -5.19 0.28 1.84
CA SER A 221 -4.76 -0.60 2.92
C SER A 221 -5.46 -0.25 4.22
N THR A 222 -5.67 1.05 4.46
CA THR A 222 -6.44 1.48 5.64
C THR A 222 -7.88 1.01 5.57
N VAL A 223 -8.52 1.11 4.39
CA VAL A 223 -9.90 0.66 4.24
C VAL A 223 -10.02 -0.85 4.39
N GLU A 224 -9.06 -1.60 3.83
CA GLU A 224 -9.03 -3.06 3.99
C GLU A 224 -8.92 -3.45 5.46
N THR A 225 -8.02 -2.81 6.20
CA THR A 225 -7.84 -3.17 7.60
C THR A 225 -9.03 -2.76 8.46
N LEU A 226 -9.59 -1.57 8.25
CA LEU A 226 -10.74 -1.13 9.03
C LEU A 226 -12.03 -1.88 8.68
N SER A 227 -12.12 -2.49 7.51
CA SER A 227 -13.34 -3.20 7.14
C SER A 227 -13.28 -4.70 7.35
N THR A 228 -12.08 -5.28 7.26
CA THR A 228 -11.95 -6.76 7.34
C THR A 228 -12.35 -7.24 8.73
N ASP A 229 -12.56 -6.32 9.67
CA ASP A 229 -13.04 -6.74 11.02
C ASP A 229 -14.29 -7.59 10.84
N GLN A 230 -15.20 -7.17 9.97
CA GLN A 230 -16.46 -7.92 9.72
C GLN A 230 -17.19 -8.11 11.06
N TYR A 231 -17.46 -9.36 11.44
CA TYR A 231 -18.17 -9.64 12.71
C TYR A 231 -17.15 -9.69 13.85
N ALA A 232 -17.30 -10.66 14.76
CA ALA A 232 -16.37 -10.80 15.91
C ALA A 232 -16.38 -9.52 16.73
N GLN A 233 -17.35 -8.64 16.51
CA GLN A 233 -17.39 -7.33 17.21
C GLN A 233 -18.73 -7.17 17.89
N CYS A 234 -18.76 -7.23 19.22
CA CYS A 234 -20.01 -6.99 19.98
C CYS A 234 -20.28 -5.49 19.95
N TYR A 235 -19.21 -4.71 19.82
CA TYR A 235 -19.34 -3.23 19.81
C TYR A 235 -18.94 -2.71 18.44
N GLN A 236 -18.16 -1.63 18.39
CA GLN A 236 -17.82 -1.01 17.09
C GLN A 236 -16.40 -0.47 17.09
N HIS A 237 -16.22 0.83 17.29
CA HIS A 237 -14.89 1.49 17.26
C HIS A 237 -14.37 1.51 15.82
N ARG A 238 -14.10 0.35 15.25
CA ARG A 238 -13.56 0.29 13.87
C ARG A 238 -14.63 0.81 12.92
N VAL A 239 -15.91 0.59 13.25
CA VAL A 239 -17.02 1.03 12.36
C VAL A 239 -17.04 2.56 12.37
N ILE A 240 -16.76 3.17 13.52
CA ILE A 240 -16.81 4.66 13.63
C ILE A 240 -15.59 5.22 12.91
N LEU A 241 -14.48 4.51 12.97
CA LEU A 241 -13.25 4.97 12.28
C LEU A 241 -13.44 4.81 10.78
N LEU A 242 -14.00 3.67 10.35
CA LEU A 242 -14.28 3.46 8.92
C LEU A 242 -15.27 4.53 8.47
N ARG A 243 -16.34 4.73 9.23
CA ARG A 243 -17.33 5.71 8.84
C ARG A 243 -16.71 7.09 8.65
N SER A 244 -15.76 7.45 9.52
CA SER A 244 -15.10 8.75 9.46
C SER A 244 -14.29 8.90 8.18
N LEU A 245 -13.70 7.79 7.74
CA LEU A 245 -12.86 7.83 6.51
C LEU A 245 -13.76 7.73 5.29
N MET A 246 -14.65 6.74 5.27
CA MET A 246 -15.48 6.52 4.06
C MET A 246 -16.37 7.73 3.80
N ALA A 247 -16.56 8.58 4.80
CA ALA A 247 -17.35 9.82 4.61
C ALA A 247 -16.70 10.69 3.54
N GLY A 248 -15.40 10.89 3.64
CA GLY A 248 -14.69 11.76 2.68
C GLY A 248 -14.65 11.12 1.31
N VAL A 249 -14.47 9.80 1.27
CA VAL A 249 -14.50 9.08 -0.04
C VAL A 249 -15.84 9.35 -0.68
N THR A 250 -16.92 9.20 0.08
CA THR A 250 -18.28 9.34 -0.50
C THR A 250 -18.52 10.79 -0.90
N ARG A 251 -17.96 11.73 -0.13
CA ARG A 251 -18.21 13.16 -0.42
C ARG A 251 -17.45 13.57 -1.68
N ASN A 252 -16.35 12.90 -1.98
CA ASN A 252 -15.51 13.33 -3.12
C ASN A 252 -15.35 12.19 -4.14
N CYS A 253 -16.29 11.27 -4.21
CA CYS A 253 -16.17 10.08 -5.08
C CYS A 253 -16.15 10.47 -6.57
N THR A 254 -16.93 11.48 -6.96
CA THR A 254 -17.01 11.82 -8.40
C THR A 254 -15.60 12.04 -8.92
N GLN A 255 -14.83 12.89 -8.24
CA GLN A 255 -13.45 13.17 -8.68
C GLN A 255 -12.60 11.91 -8.56
N LEU A 256 -12.67 11.23 -7.42
CA LEU A 256 -11.78 10.07 -7.20
C LEU A 256 -12.04 8.99 -8.24
N ALA A 257 -13.30 8.76 -8.62
CA ALA A 257 -13.63 7.65 -9.54
C ALA A 257 -13.01 7.87 -10.90
N SER A 258 -12.80 9.12 -11.29
CA SER A 258 -12.30 9.41 -12.65
C SER A 258 -10.79 9.71 -12.62
N ASN A 259 -10.11 9.41 -11.50
CA ASN A 259 -8.67 9.73 -11.38
C ASN A 259 -7.85 8.51 -11.82
N GLU A 260 -6.61 8.74 -12.25
CA GLU A 260 -5.77 7.65 -12.78
C GLU A 260 -5.43 6.64 -11.69
N PHE A 261 -5.55 7.05 -10.42
CA PHE A 261 -5.12 6.14 -9.33
C PHE A 261 -6.27 5.85 -8.38
N ALA A 262 -7.09 6.85 -8.07
CA ALA A 262 -8.16 6.68 -7.07
C ALA A 262 -9.23 5.72 -7.57
N ASN A 263 -9.30 5.50 -8.88
CA ASN A 263 -10.32 4.60 -9.44
C ASN A 263 -10.22 3.25 -8.74
N TYR A 264 -9.02 2.83 -8.38
CA TYR A 264 -8.82 1.48 -7.81
C TYR A 264 -9.40 1.39 -6.40
N VAL A 265 -9.37 2.48 -5.64
CA VAL A 265 -9.95 2.50 -4.27
C VAL A 265 -11.47 2.41 -4.40
N VAL A 266 -12.04 3.17 -5.32
CA VAL A 266 -13.49 3.17 -5.54
C VAL A 266 -13.95 1.79 -5.99
N GLN A 267 -13.16 1.15 -6.82
CA GLN A 267 -13.51 -0.21 -7.30
C GLN A 267 -13.44 -1.17 -6.11
N HIS A 268 -12.47 -0.98 -5.22
CA HIS A 268 -12.36 -1.85 -4.06
C HIS A 268 -13.57 -1.71 -3.14
N VAL A 269 -14.03 -0.47 -2.93
CA VAL A 269 -15.22 -0.22 -2.13
C VAL A 269 -16.45 -0.88 -2.74
N ILE A 270 -16.61 -0.76 -4.06
CA ILE A 270 -17.77 -1.35 -4.72
C ILE A 270 -17.67 -2.87 -4.74
N LYS A 271 -16.48 -3.40 -5.02
CA LYS A 271 -16.32 -4.84 -5.23
C LYS A 271 -16.37 -5.60 -3.93
N CYS A 272 -16.02 -4.94 -2.82
CA CYS A 272 -15.83 -5.62 -1.54
C CYS A 272 -17.14 -6.19 -0.99
N GLY A 273 -18.19 -5.35 -0.92
CA GLY A 273 -19.38 -5.82 -0.25
C GLY A 273 -19.17 -5.87 1.25
N ASP A 274 -20.06 -6.61 1.92
CA ASP A 274 -20.07 -6.82 3.37
C ASP A 274 -20.04 -5.51 4.15
N ALA A 275 -18.94 -5.26 4.87
CA ALA A 275 -18.87 -4.07 5.71
C ALA A 275 -18.78 -2.78 4.92
N LEU A 276 -18.38 -2.85 3.65
CA LEU A 276 -18.39 -1.71 2.76
C LEU A 276 -19.64 -1.60 1.90
N ALA A 277 -20.60 -2.53 2.05
CA ALA A 277 -21.71 -2.62 1.09
C ALA A 277 -22.65 -1.42 1.16
N VAL A 278 -22.79 -0.78 2.33
CA VAL A 278 -23.57 0.45 2.39
C VAL A 278 -22.87 1.57 1.64
N TYR A 279 -21.54 1.63 1.72
CA TYR A 279 -20.81 2.76 1.16
C TYR A 279 -20.79 2.68 -0.35
N ARG A 280 -20.60 1.46 -0.89
CA ARG A 280 -20.90 1.08 -2.26
C ARG A 280 -22.18 1.72 -2.80
N ASP A 281 -23.29 1.56 -2.06
CA ASP A 281 -24.57 2.06 -2.53
C ASP A 281 -24.53 3.58 -2.66
N ILE A 282 -24.00 4.26 -1.66
CA ILE A 282 -23.87 5.74 -1.69
C ILE A 282 -23.08 6.16 -2.93
N ILE A 283 -21.97 5.48 -3.22
CA ILE A 283 -21.10 5.89 -4.36
C ILE A 283 -21.91 5.85 -5.65
N ILE A 284 -22.70 4.81 -5.84
CA ILE A 284 -23.48 4.67 -7.10
C ILE A 284 -24.55 5.76 -7.15
N GLU A 285 -25.26 5.95 -6.05
CA GLU A 285 -26.41 6.89 -6.03
C GLU A 285 -25.95 8.34 -6.18
N GLN A 286 -24.77 8.69 -5.68
CA GLN A 286 -24.36 10.12 -5.69
C GLN A 286 -23.33 10.42 -6.76
N CYS A 287 -22.60 9.43 -7.25
CA CYS A 287 -21.51 9.73 -8.22
C CYS A 287 -21.79 9.12 -9.58
N LEU A 288 -21.99 7.81 -9.63
CA LEU A 288 -22.15 7.13 -10.93
C LEU A 288 -23.48 7.52 -11.55
N LEU A 289 -24.55 7.54 -10.78
CA LEU A 289 -25.88 7.80 -11.37
C LEU A 289 -25.94 9.22 -11.93
N GLN A 290 -26.61 9.41 -13.07
CA GLN A 290 -26.74 10.72 -13.76
C GLN A 290 -25.45 11.00 -14.56
N ASN A 291 -24.46 10.11 -14.46
CA ASN A 291 -23.17 10.32 -15.16
C ASN A 291 -22.66 9.00 -15.77
N LEU A 292 -23.55 8.05 -16.09
CA LEU A 292 -23.03 6.78 -16.60
C LEU A 292 -22.47 6.92 -18.00
N LEU A 293 -23.11 7.73 -18.84
CA LEU A 293 -22.68 7.87 -20.22
C LEU A 293 -21.33 8.57 -20.31
N SER A 294 -21.10 9.60 -19.50
CA SER A 294 -19.82 10.29 -19.56
C SER A 294 -18.72 9.45 -18.92
N MET A 295 -19.02 8.76 -17.82
CA MET A 295 -17.96 7.99 -17.16
C MET A 295 -17.61 6.73 -17.93
N SER A 296 -18.55 6.18 -18.71
CA SER A 296 -18.26 4.99 -19.51
C SER A 296 -17.38 5.29 -20.71
N GLN A 297 -17.21 6.56 -21.07
CA GLN A 297 -16.33 7.00 -22.14
C GLN A 297 -14.95 7.42 -21.65
N GLU A 298 -14.66 7.33 -20.36
CA GLU A 298 -13.38 7.77 -19.83
C GLU A 298 -12.47 6.57 -19.63
N LYS A 299 -11.15 6.82 -19.66
CA LYS A 299 -10.19 5.73 -19.57
C LYS A 299 -10.24 5.05 -18.21
N TYR A 300 -10.43 5.83 -17.16
CA TYR A 300 -10.33 5.36 -15.80
C TYR A 300 -11.69 5.00 -15.22
N ALA A 301 -12.67 5.89 -15.39
CA ALA A 301 -13.98 5.72 -14.79
C ALA A 301 -14.80 4.59 -15.41
N SER A 302 -14.45 4.14 -16.62
CA SER A 302 -15.22 3.07 -17.23
C SER A 302 -15.02 1.73 -16.52
N HIS A 303 -13.87 1.54 -15.87
CA HIS A 303 -13.70 0.35 -15.04
C HIS A 303 -14.56 0.43 -13.78
N VAL A 304 -14.73 1.64 -13.25
CA VAL A 304 -15.63 1.87 -12.11
C VAL A 304 -17.07 1.54 -12.49
N VAL A 305 -17.50 1.98 -13.69
CA VAL A 305 -18.86 1.67 -14.16
C VAL A 305 -19.02 0.18 -14.37
N GLU A 306 -17.95 -0.48 -14.85
CA GLU A 306 -18.01 -1.90 -15.14
C GLU A 306 -18.16 -2.71 -13.85
N VAL A 307 -17.36 -2.38 -12.82
CA VAL A 307 -17.48 -3.11 -11.55
C VAL A 307 -18.79 -2.73 -10.85
N ALA A 308 -19.32 -1.52 -11.07
CA ALA A 308 -20.61 -1.15 -10.50
C ALA A 308 -21.75 -1.96 -11.10
N PHE A 309 -21.74 -2.21 -12.42
CA PHE A 309 -22.71 -3.15 -12.97
C PHE A 309 -22.52 -4.56 -12.43
N GLU A 310 -21.25 -4.97 -12.23
CA GLU A 310 -20.96 -6.32 -11.75
C GLU A 310 -21.52 -6.57 -10.35
N CYS A 311 -21.40 -5.59 -9.45
CA CYS A 311 -21.54 -5.84 -8.02
C CYS A 311 -22.76 -5.21 -7.37
N ALA A 312 -23.49 -4.33 -8.07
CA ALA A 312 -24.60 -3.63 -7.46
C ALA A 312 -25.76 -4.57 -7.16
N PRO A 313 -26.55 -4.27 -6.15
CA PRO A 313 -27.81 -4.98 -5.97
C PRO A 313 -28.81 -4.59 -7.06
N TYR A 314 -29.82 -5.45 -7.21
CA TYR A 314 -30.84 -5.31 -8.26
C TYR A 314 -31.51 -3.94 -8.29
N ARG A 315 -31.81 -3.38 -7.11
CA ARG A 315 -32.50 -2.10 -7.02
C ARG A 315 -31.67 -0.94 -7.58
N LEU A 316 -30.34 -1.08 -7.64
CA LEU A 316 -29.51 -0.06 -8.29
C LEU A 316 -29.18 -0.41 -9.74
N VAL A 317 -29.09 -1.70 -10.05
CA VAL A 317 -28.93 -2.14 -11.43
C VAL A 317 -30.10 -1.66 -12.27
N ALA A 318 -31.31 -1.67 -11.70
CA ALA A 318 -32.48 -1.19 -12.42
C ALA A 318 -32.39 0.31 -12.74
N GLU A 319 -31.88 1.11 -11.81
CA GLU A 319 -31.78 2.54 -12.09
C GLU A 319 -30.68 2.81 -13.12
N MET A 320 -29.59 2.05 -13.06
CA MET A 320 -28.51 2.21 -14.04
C MET A 320 -28.97 1.81 -15.45
N MET A 321 -29.68 0.68 -15.57
CA MET A 321 -30.24 0.25 -16.84
C MET A 321 -31.23 1.27 -17.38
N ASN A 322 -32.09 1.82 -16.52
CA ASN A 322 -33.06 2.81 -17.01
C ASN A 322 -32.36 4.11 -17.43
N GLU A 323 -31.25 4.46 -16.79
CA GLU A 323 -30.50 5.64 -17.23
C GLU A 323 -29.88 5.42 -18.62
N ILE A 324 -29.25 4.26 -18.85
CA ILE A 324 -28.66 3.98 -20.17
C ILE A 324 -29.72 3.91 -21.24
N PHE A 325 -30.83 3.22 -20.96
CA PHE A 325 -31.82 2.95 -22.00
C PHE A 325 -32.71 4.15 -22.28
N GLU A 326 -33.11 4.91 -21.26
CA GLU A 326 -34.09 5.96 -21.51
C GLU A 326 -33.86 7.23 -20.69
N GLY A 327 -32.63 7.45 -20.21
CA GLY A 327 -32.33 8.60 -19.37
C GLY A 327 -31.66 9.79 -20.03
N TYR A 328 -31.39 9.72 -21.34
CA TYR A 328 -30.64 10.77 -22.04
C TYR A 328 -31.39 11.24 -23.28
N ILE A 329 -31.26 12.53 -23.57
CA ILE A 329 -31.78 13.12 -24.81
C ILE A 329 -30.91 12.67 -25.98
N PRO A 330 -31.51 12.17 -27.08
CA PRO A 330 -30.75 11.81 -28.27
C PRO A 330 -29.95 12.99 -28.85
N HIS A 331 -28.86 12.68 -29.56
CA HIS A 331 -28.01 13.75 -30.13
C HIS A 331 -28.79 14.51 -31.19
N PRO A 332 -28.72 15.84 -31.20
CA PRO A 332 -29.51 16.63 -32.14
C PRO A 332 -29.25 16.33 -33.61
N ASP A 333 -28.02 15.96 -33.96
CA ASP A 333 -27.66 15.78 -35.39
C ASP A 333 -27.68 14.30 -35.78
N THR A 334 -27.33 13.39 -34.87
CA THR A 334 -27.21 11.96 -35.23
C THR A 334 -28.37 11.14 -34.67
N ASN A 335 -29.14 11.69 -33.74
CA ASN A 335 -30.27 10.96 -33.10
C ASN A 335 -29.71 9.72 -32.41
N ARG A 336 -28.48 9.82 -31.89
CA ARG A 336 -27.82 8.67 -31.25
C ARG A 336 -28.10 8.70 -29.76
N ASP A 337 -28.44 7.55 -29.18
CA ASP A 337 -28.72 7.47 -27.73
C ASP A 337 -27.47 6.99 -27.02
N ALA A 338 -27.57 6.79 -25.72
CA ALA A 338 -26.41 6.36 -24.93
C ALA A 338 -25.93 4.98 -25.33
N LEU A 339 -26.85 4.05 -25.59
CA LEU A 339 -26.47 2.68 -25.93
C LEU A 339 -25.78 2.62 -27.29
N ASP A 340 -26.29 3.40 -28.25
CA ASP A 340 -25.68 3.50 -29.57
C ASP A 340 -24.26 4.04 -29.48
N ILE A 341 -24.04 5.04 -28.64
CA ILE A 341 -22.70 5.59 -28.43
C ILE A 341 -21.78 4.55 -27.80
N LEU A 342 -22.25 3.87 -26.75
CA LEU A 342 -21.37 2.94 -26.04
C LEU A 342 -21.05 1.67 -26.83
N LEU A 343 -21.91 1.27 -27.79
CA LEU A 343 -21.59 0.12 -28.64
C LEU A 343 -20.33 0.33 -29.47
N PHE A 344 -20.17 1.53 -30.05
CA PHE A 344 -19.08 1.81 -30.96
C PHE A 344 -17.93 2.55 -30.30
N HIS A 345 -17.93 2.67 -28.98
CA HIS A 345 -16.93 3.43 -28.27
C HIS A 345 -15.85 2.50 -27.74
N GLN A 346 -14.59 2.93 -27.85
CA GLN A 346 -13.47 2.05 -27.55
C GLN A 346 -13.30 1.74 -26.06
N TYR A 347 -13.94 2.51 -25.19
CA TYR A 347 -13.99 2.21 -23.76
C TYR A 347 -15.36 1.70 -23.32
N GLY A 348 -16.44 2.29 -23.85
CA GLY A 348 -17.79 1.95 -23.43
C GLY A 348 -18.27 0.57 -23.85
N ASN A 349 -17.55 -0.04 -24.77
CA ASN A 349 -17.90 -1.40 -25.24
C ASN A 349 -17.77 -2.35 -24.07
N TYR A 350 -16.76 -2.13 -23.23
CA TYR A 350 -16.54 -2.98 -22.06
C TYR A 350 -17.68 -2.88 -21.07
N VAL A 351 -18.24 -1.67 -20.93
CA VAL A 351 -19.44 -1.45 -20.12
C VAL A 351 -20.62 -2.23 -20.68
N VAL A 352 -20.80 -2.22 -22.02
CA VAL A 352 -21.91 -2.94 -22.63
C VAL A 352 -21.74 -4.45 -22.46
N GLN A 353 -20.52 -4.93 -22.54
CA GLN A 353 -20.28 -6.37 -22.36
C GLN A 353 -20.66 -6.76 -20.94
N GLN A 354 -20.44 -5.88 -19.95
CA GLN A 354 -20.73 -6.19 -18.53
C GLN A 354 -22.22 -6.12 -18.29
N MET A 355 -22.89 -5.18 -18.92
CA MET A 355 -24.36 -5.10 -18.80
C MET A 355 -24.93 -6.45 -19.26
N ILE A 356 -24.44 -6.99 -20.36
CA ILE A 356 -24.92 -8.29 -20.90
C ILE A 356 -24.62 -9.38 -19.88
N GLN A 357 -23.42 -9.38 -19.31
CA GLN A 357 -23.03 -10.45 -18.36
C GLN A 357 -23.95 -10.40 -17.14
N THR A 358 -24.17 -9.21 -16.61
CA THR A 358 -25.01 -9.08 -15.39
C THR A 358 -26.41 -9.58 -15.70
N CYS A 359 -26.93 -9.23 -16.88
CA CYS A 359 -28.32 -9.62 -17.21
C CYS A 359 -28.37 -11.13 -17.46
N VAL A 360 -27.25 -11.72 -17.89
CA VAL A 360 -27.20 -13.19 -18.12
C VAL A 360 -27.12 -13.88 -16.77
N LEU A 361 -26.21 -13.45 -15.89
CA LEU A 361 -26.19 -14.03 -14.55
C LEU A 361 -27.51 -13.82 -13.80
N GLY A 362 -28.14 -12.67 -13.97
CA GLY A 362 -29.34 -12.36 -13.24
C GLY A 362 -30.60 -13.05 -13.72
N GLN A 363 -30.57 -13.66 -14.91
CA GLN A 363 -31.68 -14.54 -15.29
C GLN A 363 -31.84 -15.73 -14.36
N ASN A 364 -30.75 -16.20 -13.75
CA ASN A 364 -30.80 -17.32 -12.83
C ASN A 364 -31.15 -16.89 -11.40
N ALA A 365 -31.64 -15.68 -11.22
CA ALA A 365 -32.09 -15.23 -9.91
C ALA A 365 -33.41 -15.91 -9.54
N ARG A 366 -33.67 -15.96 -8.23
CA ARG A 366 -34.82 -16.68 -7.73
C ARG A 366 -36.13 -15.95 -8.00
N ASP A 367 -36.13 -14.62 -7.86
CA ASP A 367 -37.34 -13.83 -8.09
C ASP A 367 -37.72 -13.83 -9.56
N GLN A 368 -39.01 -14.04 -9.84
CA GLN A 368 -39.49 -14.09 -11.22
C GLN A 368 -39.43 -12.73 -11.90
N LYS A 369 -39.85 -11.68 -11.18
CA LYS A 369 -39.89 -10.33 -11.77
C LYS A 369 -38.49 -9.83 -12.11
N GLN A 370 -37.51 -10.11 -11.26
CA GLN A 370 -36.13 -9.75 -11.56
C GLN A 370 -35.63 -10.47 -12.82
N SER A 371 -35.95 -11.76 -12.94
CA SER A 371 -35.57 -12.54 -14.10
C SER A 371 -36.16 -11.96 -15.38
N GLU A 372 -37.44 -11.57 -15.32
CA GLU A 372 -38.09 -10.96 -16.48
C GLU A 372 -37.48 -9.61 -16.81
N MET A 373 -37.08 -8.84 -15.79
CA MET A 373 -36.46 -7.53 -16.04
C MET A 373 -35.09 -7.67 -16.68
N TYR A 374 -34.27 -8.62 -16.20
CA TYR A 374 -32.97 -8.86 -16.83
C TYR A 374 -33.15 -9.35 -18.27
N GLY A 375 -34.15 -10.21 -18.51
CA GLY A 375 -34.46 -10.63 -19.86
C GLY A 375 -34.90 -9.48 -20.75
N MET A 376 -35.67 -8.54 -20.20
CA MET A 376 -36.12 -7.38 -20.98
C MET A 376 -34.94 -6.50 -21.39
N TRP A 377 -34.01 -6.30 -20.47
CA TRP A 377 -32.83 -5.44 -20.75
C TRP A 377 -31.94 -6.12 -21.78
N LEU A 378 -31.79 -7.44 -21.68
CA LEU A 378 -30.93 -8.19 -22.63
C LEU A 378 -31.54 -8.11 -24.03
N GLU A 379 -32.87 -8.14 -24.11
CA GLU A 379 -33.55 -8.12 -25.42
C GLU A 379 -33.38 -6.75 -26.07
N LYS A 380 -33.39 -5.69 -25.25
CA LYS A 380 -33.21 -4.32 -25.77
C LYS A 380 -31.81 -4.19 -26.38
N ILE A 381 -30.79 -4.69 -25.67
CA ILE A 381 -29.40 -4.64 -26.17
C ILE A 381 -29.30 -5.45 -27.46
N HIS A 382 -29.92 -6.63 -27.48
CA HIS A 382 -29.84 -7.53 -28.66
C HIS A 382 -30.40 -6.83 -29.89
N GLY A 383 -31.53 -6.16 -29.74
CA GLY A 383 -32.16 -5.51 -30.90
C GLY A 383 -31.25 -4.47 -31.50
N ARG A 384 -30.58 -3.68 -30.66
CA ARG A 384 -29.72 -2.59 -31.17
C ARG A 384 -28.47 -3.19 -31.80
N VAL A 385 -27.95 -4.26 -31.21
CA VAL A 385 -26.75 -4.94 -31.77
C VAL A 385 -27.10 -5.47 -33.15
N MET A 386 -28.32 -5.99 -33.32
CA MET A 386 -28.71 -6.59 -34.61
C MET A 386 -28.84 -5.49 -35.67
N ARG A 387 -29.29 -4.31 -35.28
CA ARG A 387 -29.45 -3.20 -36.26
C ARG A 387 -28.09 -2.62 -36.62
N ASN A 388 -27.03 -3.03 -35.93
CA ASN A 388 -25.69 -2.44 -36.17
C ASN A 388 -24.67 -3.56 -36.34
N ALA A 389 -25.13 -4.79 -36.54
CA ALA A 389 -24.21 -5.95 -36.61
C ALA A 389 -23.34 -5.91 -37.86
N HIS A 390 -23.84 -5.32 -38.94
CA HIS A 390 -23.08 -5.26 -40.21
C HIS A 390 -21.75 -4.54 -39.97
N ARG A 391 -21.74 -3.58 -39.05
CA ARG A 391 -20.52 -2.80 -38.78
C ARG A 391 -19.80 -3.38 -37.56
N LEU A 392 -20.54 -3.92 -36.61
CA LEU A 392 -19.92 -4.41 -35.35
C LEU A 392 -19.13 -5.69 -35.58
N GLU A 393 -19.47 -6.47 -36.60
CA GLU A 393 -18.82 -7.78 -36.81
C GLU A 393 -17.38 -7.58 -37.31
N ARG A 394 -17.01 -6.35 -37.65
CA ARG A 394 -15.67 -6.07 -38.19
C ARG A 394 -14.75 -5.62 -37.07
N PHE A 395 -15.29 -5.54 -35.85
CA PHE A 395 -14.49 -5.13 -34.67
C PHE A 395 -14.34 -6.30 -33.71
N SER A 396 -13.24 -6.34 -32.97
CA SER A 396 -13.03 -7.37 -31.95
C SER A 396 -14.13 -7.31 -30.90
N SER A 397 -14.49 -6.10 -30.49
CA SER A 397 -15.52 -5.88 -29.48
C SER A 397 -16.88 -6.36 -29.95
N GLY A 398 -17.23 -6.08 -31.20
CA GLY A 398 -18.50 -6.55 -31.74
C GLY A 398 -18.57 -8.07 -31.85
N LYS A 399 -17.44 -8.71 -32.15
CA LYS A 399 -17.41 -10.17 -32.13
C LYS A 399 -17.63 -10.69 -30.72
N LYS A 400 -17.05 -10.03 -29.71
CA LYS A 400 -17.30 -10.42 -28.32
C LYS A 400 -18.76 -10.24 -27.91
N ILE A 401 -19.36 -9.12 -28.32
CA ILE A 401 -20.74 -8.80 -27.96
C ILE A 401 -21.72 -9.79 -28.59
N ILE A 402 -21.52 -10.09 -29.87
CA ILE A 402 -22.43 -11.00 -30.58
C ILE A 402 -22.32 -12.43 -30.05
N GLU A 403 -21.10 -12.87 -29.70
CA GLU A 403 -20.93 -14.18 -29.09
C GLU A 403 -21.51 -14.26 -27.68
N ALA A 404 -21.60 -13.12 -26.98
CA ALA A 404 -22.21 -13.13 -25.67
C ALA A 404 -23.73 -13.22 -25.73
N LEU A 405 -24.33 -12.69 -26.80
CA LEU A 405 -25.77 -12.72 -27.00
C LEU A 405 -26.23 -14.00 -27.68
N GLN A 406 -25.35 -14.99 -27.81
CA GLN A 406 -25.58 -16.13 -28.69
C GLN A 406 -26.43 -17.20 -28.03
N SER A 407 -27.46 -17.66 -28.75
CA SER A 407 -28.27 -18.85 -28.42
C SER A 407 -28.91 -18.74 -27.04
N MET A 408 -29.58 -17.61 -26.80
CA MET A 408 -30.15 -17.38 -25.49
C MET A 408 -31.66 -17.61 -25.48
N SER A 409 -32.16 -17.83 -24.27
CA SER A 409 -33.58 -17.99 -23.97
C SER A 409 -33.96 -16.86 -23.01
N LEU A 410 -34.55 -15.79 -23.57
CA LEU A 410 -34.84 -14.56 -22.84
C LEU A 410 -36.28 -14.56 -22.31
N TYR A 411 -36.56 -15.53 -21.44
CA TYR A 411 -37.91 -16.05 -21.12
C TYR A 411 -39.01 -15.02 -20.82
C1 GOL C . -27.87 2.54 1.46
O1 GOL C . -28.02 1.18 1.14
C2 GOL C . -28.34 3.42 0.33
O2 GOL C . -29.55 2.95 -0.22
C3 GOL C . -28.43 4.86 0.80
O3 GOL C . -29.32 5.57 -0.04
C FMT D . -25.11 4.44 -34.79
O1 FMT D . -26.12 4.95 -35.32
O2 FMT D . -25.03 3.44 -34.05
C FMT E . -32.47 5.05 -31.53
O1 FMT E . -31.43 5.29 -32.16
O2 FMT E . -33.00 5.71 -30.60
C FMT F . -22.89 11.75 -32.18
O1 FMT F . -23.28 10.57 -32.13
O2 FMT F . -21.76 12.22 -31.97
C FMT G . 35.15 -15.41 12.67
O1 FMT G . 35.83 -15.46 11.62
O2 FMT G . 34.82 -14.42 13.36
C FMT H . 4.33 -3.22 2.76
O1 FMT H . 5.16 -3.21 3.69
O2 FMT H . 4.40 -2.73 1.61
C1 GOL I . -12.50 -4.54 -15.16
O1 GOL I . -12.27 -3.89 -13.92
C2 GOL I . -13.05 -5.93 -14.91
O2 GOL I . -14.36 -5.84 -14.37
C3 GOL I . -12.99 -6.74 -16.21
O3 GOL I . -13.44 -8.07 -15.96
C FMT J . 31.77 3.05 16.90
O1 FMT J . 31.52 1.93 16.44
O2 FMT J . 31.58 3.50 18.04
C FMT K . -25.29 -9.48 -7.92
O1 FMT K . -24.11 -9.51 -7.54
O2 FMT K . -26.21 -8.73 -7.54
C1 GOL L . -25.12 -18.43 -23.74
O1 GOL L . -25.87 -17.34 -23.26
C2 GOL L . -23.64 -18.12 -23.92
O2 GOL L . -22.91 -19.30 -23.67
C3 GOL L . -23.34 -17.62 -25.32
O3 GOL L . -22.03 -17.95 -25.73
C FMT M . 45.05 11.63 17.05
O1 FMT M . 44.98 10.50 17.55
O2 FMT M . 45.04 11.95 15.85
C1 GOL N . 20.68 6.61 1.01
O1 GOL N . 19.90 6.03 2.03
C2 GOL N . 20.87 8.10 1.20
O2 GOL N . 21.80 8.56 0.25
C3 GOL N . 21.28 8.48 2.62
O3 GOL N . 22.53 7.91 2.94
C FMT O . 24.43 5.82 0.97
O1 FMT O . 23.74 5.10 1.69
O2 FMT O . 24.72 7.02 1.11
C FMT P . 19.48 -9.46 6.23
O1 FMT P . 18.72 -8.86 5.45
O2 FMT P . 19.19 -10.05 7.29
C FMT Q . -10.46 -6.72 -36.51
O1 FMT Q . -11.08 -7.53 -35.80
O2 FMT Q . -9.81 -6.90 -37.54
C FMT R . -8.32 -6.82 -21.69
O1 FMT R . -7.69 -6.03 -22.43
O2 FMT R . -9.41 -6.64 -21.10
C FMT S . -3.00 -3.97 -12.65
O1 FMT S . -3.65 -3.14 -13.33
O2 FMT S . -2.89 -4.06 -11.42
#